data_8J1M
#
_entry.id   8J1M
#
_cell.length_a   116.407
_cell.length_b   51.012
_cell.length_c   51.817
_cell.angle_alpha   90.00
_cell.angle_beta   113.92
_cell.angle_gamma   90.00
#
_symmetry.space_group_name_H-M   'C 1 2 1'
#
loop_
_entity.id
_entity.type
_entity.pdbx_description
1 polymer 'Putative membrane protein'
2 non-polymer 'CADMIUM ION'
3 non-polymer 'CHLORIDE ION'
4 non-polymer '[(Z)-octadec-9-enyl] (2R)-2,3-bis(oxidanyl)propanoate'
5 non-polymer 'MERCURY (II) ION'
6 water water
#
_entity_poly.entity_id   1
_entity_poly.type   'polypeptide(L)'
_entity_poly.pdbx_seq_one_letter_code
;SHPLITLGLAASAAGVVLLLVAGIVNALTGENRVHVGYAVLGGAAGFAATALGALMALGLRAISARTQDAMLGFCAGMML
AASAFSLILPGLDAAGTIVGPGPAAAAVVALGLGLGVLLMLGLDYFTPHEHERTGHQGPEAARVNRVWLFVLTIILHNLP
EGMAIGVSFATGDLRIGLPLTSAIAIQDVPEGLCVALALRAVGLPIGRAVLVAVASGLMEPLGALVGVGISSGFALAYPI
SMGLAAGAMIFVVSHEVIPETHRNGHETTATVGLMAGFALMMFLDTALG
;
_entity_poly.pdbx_strand_id   A
#
loop_
_chem_comp.id
_chem_comp.type
_chem_comp.name
_chem_comp.formula
CD non-polymer 'CADMIUM ION' 'Cd 2'
CL non-polymer 'CHLORIDE ION' 'Cl -1'
HG non-polymer 'MERCURY (II) ION' 'Hg 2'
MPG non-polymer '[(Z)-octadec-9-enyl] (2R)-2,3-bis(oxidanyl)propanoate' 'C21 H40 O4'
#
# COMPACT_ATOMS: atom_id res chain seq x y z
N SER A 1 -14.44 12.66 31.23
CA SER A 1 -14.46 13.62 30.13
C SER A 1 -14.70 12.93 28.79
N HIS A 2 -15.92 12.44 28.56
CA HIS A 2 -16.34 12.00 27.22
C HIS A 2 -16.26 13.16 26.22
N PRO A 3 -16.30 14.43 26.66
CA PRO A 3 -15.87 15.50 25.73
C PRO A 3 -14.49 15.24 25.14
N LEU A 4 -13.57 14.67 25.93
CA LEU A 4 -12.21 14.42 25.47
C LEU A 4 -12.15 13.33 24.41
N ILE A 5 -12.91 12.26 24.59
CA ILE A 5 -12.99 11.24 23.54
C ILE A 5 -13.66 11.79 22.27
N THR A 6 -14.66 12.68 22.42
CA THR A 6 -15.30 13.27 21.24
C THR A 6 -14.32 14.20 20.53
N LEU A 7 -13.55 14.95 21.30
CA LEU A 7 -12.51 15.80 20.73
C LEU A 7 -11.47 14.97 19.98
N GLY A 8 -11.02 13.86 20.56
CA GLY A 8 -10.05 13.02 19.89
C GLY A 8 -10.63 12.34 18.65
N LEU A 9 -11.89 11.91 18.74
CA LEU A 9 -12.55 11.34 17.57
C LEU A 9 -12.64 12.36 16.44
N ALA A 10 -13.03 13.60 16.78
CA ALA A 10 -13.09 14.65 15.76
C ALA A 10 -11.72 14.92 15.16
N ALA A 11 -10.69 15.03 16.01
CA ALA A 11 -9.35 15.28 15.51
C ALA A 11 -8.84 14.11 14.67
N SER A 12 -9.13 12.87 15.10
CA SER A 12 -8.70 11.67 14.35
C SER A 12 -9.35 11.62 12.98
N ALA A 13 -10.67 11.82 12.92
CA ALA A 13 -11.38 11.75 11.64
C ALA A 13 -10.91 12.85 10.72
N ALA A 14 -10.85 14.09 11.22
CA ALA A 14 -10.40 15.20 10.39
C ALA A 14 -8.95 15.03 9.97
N GLY A 15 -8.13 14.42 10.83
CA GLY A 15 -6.72 14.25 10.49
C GLY A 15 -6.50 13.29 9.33
N VAL A 16 -7.30 12.22 9.26
CA VAL A 16 -7.16 11.29 8.15
C VAL A 16 -7.82 11.84 6.89
N VAL A 17 -9.01 12.44 7.01
CA VAL A 17 -9.64 13.09 5.87
C VAL A 17 -8.75 14.19 5.33
N LEU A 18 -8.15 14.98 6.22
CA LEU A 18 -7.30 16.08 5.78
C LEU A 18 -6.07 15.57 5.06
N LEU A 19 -5.42 14.52 5.58
CA LEU A 19 -4.23 14.01 4.92
C LEU A 19 -4.53 13.62 3.48
N LEU A 20 -5.64 12.90 3.27
CA LEU A 20 -5.97 12.39 1.94
C LEU A 20 -6.38 13.54 1.02
N VAL A 21 -7.27 14.41 1.50
CA VAL A 21 -7.81 15.47 0.66
C VAL A 21 -6.79 16.58 0.44
N ALA A 22 -6.09 16.97 1.50
CA ALA A 22 -5.02 17.97 1.33
C ALA A 22 -3.87 17.41 0.52
N GLY A 23 -3.61 16.11 0.60
CA GLY A 23 -2.60 15.52 -0.27
C GLY A 23 -2.95 15.70 -1.72
N ILE A 24 -4.19 15.38 -2.08
CA ILE A 24 -4.62 15.53 -3.47
C ILE A 24 -4.61 16.99 -3.88
N VAL A 25 -5.13 17.87 -3.02
CA VAL A 25 -5.17 19.30 -3.35
C VAL A 25 -3.76 19.82 -3.58
N ASN A 26 -2.83 19.49 -2.68
CA ASN A 26 -1.47 19.96 -2.84
C ASN A 26 -0.80 19.34 -4.05
N ALA A 27 -1.12 18.08 -4.36
CA ALA A 27 -0.54 17.47 -5.56
C ALA A 27 -0.94 18.24 -6.80
N LEU A 28 -2.14 18.83 -6.81
CA LEU A 28 -2.67 19.43 -8.02
C LEU A 28 -2.29 20.89 -8.21
N THR A 29 -1.33 21.39 -7.44
CA THR A 29 -0.82 22.74 -7.64
C THR A 29 0.12 22.79 -8.84
N GLY A 30 0.33 24.01 -9.36
CA GLY A 30 1.11 24.17 -10.57
C GLY A 30 2.56 23.74 -10.44
N GLU A 31 3.14 23.90 -9.25
CA GLU A 31 4.54 23.52 -9.04
C GLU A 31 4.76 22.01 -9.16
N ASN A 32 3.72 21.20 -9.02
CA ASN A 32 3.88 19.75 -8.99
C ASN A 32 3.52 19.08 -10.31
N ARG A 33 3.23 19.85 -11.36
CA ARG A 33 2.57 19.26 -12.52
C ARG A 33 3.43 18.19 -13.18
N VAL A 34 4.75 18.37 -13.22
CA VAL A 34 5.61 17.35 -13.81
C VAL A 34 5.69 16.13 -12.91
N HIS A 35 5.82 16.36 -11.59
CA HIS A 35 5.95 15.26 -10.65
C HIS A 35 4.68 14.41 -10.58
N VAL A 36 3.50 15.05 -10.55
CA VAL A 36 2.30 14.23 -10.53
CA VAL A 36 2.24 14.32 -10.58
C VAL A 36 2.13 13.49 -11.85
N GLY A 37 2.65 14.03 -12.96
CA GLY A 37 2.61 13.29 -14.20
C GLY A 37 3.30 11.95 -14.09
N TYR A 38 4.57 11.95 -13.64
CA TYR A 38 5.29 10.69 -13.46
C TYR A 38 4.59 9.79 -12.47
N ALA A 39 4.11 10.35 -11.37
CA ALA A 39 3.53 9.53 -10.30
C ALA A 39 2.25 8.83 -10.76
N VAL A 40 1.36 9.55 -11.48
CA VAL A 40 0.13 8.90 -11.94
C VAL A 40 0.43 7.86 -13.02
N LEU A 41 1.44 8.11 -13.87
CA LEU A 41 1.81 7.09 -14.86
C LEU A 41 2.39 5.86 -14.17
N GLY A 42 3.26 6.06 -13.17
CA GLY A 42 3.71 4.94 -12.37
C GLY A 42 2.54 4.19 -11.76
N GLY A 43 1.56 4.93 -11.21
CA GLY A 43 0.38 4.27 -10.67
C GLY A 43 -0.40 3.51 -11.72
N ALA A 44 -0.55 4.10 -12.91
CA ALA A 44 -1.28 3.45 -13.99
C ALA A 44 -0.57 2.21 -14.50
N ALA A 45 0.75 2.15 -14.37
CA ALA A 45 1.46 0.90 -14.69
C ALA A 45 1.08 -0.19 -13.70
N GLY A 46 0.91 0.16 -12.43
CA GLY A 46 0.46 -0.81 -11.45
C GLY A 46 -0.96 -1.25 -11.69
N PHE A 47 -1.83 -0.33 -12.09
CA PHE A 47 -3.17 -0.73 -12.53
C PHE A 47 -3.08 -1.74 -13.67
N ALA A 48 -2.20 -1.51 -14.63
CA ALA A 48 -2.10 -2.42 -15.78
C ALA A 48 -1.60 -3.78 -15.34
N ALA A 49 -0.61 -3.81 -14.45
CA ALA A 49 -0.08 -5.08 -13.97
C ALA A 49 -1.12 -5.82 -13.13
N THR A 50 -1.89 -5.09 -12.33
CA THR A 50 -2.99 -5.70 -11.58
C THR A 50 -3.99 -6.34 -12.53
N ALA A 51 -4.40 -5.59 -13.54
CA ALA A 51 -5.33 -6.09 -14.55
C ALA A 51 -4.81 -7.39 -15.17
N LEU A 52 -3.53 -7.43 -15.51
CA LEU A 52 -2.97 -8.62 -16.14
C LEU A 52 -3.08 -9.84 -15.22
N GLY A 53 -2.66 -9.70 -13.96
CA GLY A 53 -2.82 -10.79 -13.01
C GLY A 53 -4.26 -11.22 -12.85
N ALA A 54 -5.18 -10.27 -12.77
CA ALA A 54 -6.57 -10.65 -12.59
C ALA A 54 -7.07 -11.45 -13.79
N LEU A 55 -6.65 -11.09 -15.01
CA LEU A 55 -7.07 -11.87 -16.17
C LEU A 55 -6.64 -13.33 -16.03
N MET A 56 -5.48 -13.58 -15.42
CA MET A 56 -5.03 -14.95 -15.27
C MET A 56 -5.88 -15.75 -14.29
N ALA A 57 -6.80 -15.13 -13.55
CA ALA A 57 -7.69 -15.88 -12.68
C ALA A 57 -8.84 -16.53 -13.42
N LEU A 58 -9.16 -16.04 -14.63
CA LEU A 58 -10.19 -16.69 -15.43
C LEU A 58 -9.88 -18.17 -15.66
N GLY A 59 -8.60 -18.52 -15.72
CA GLY A 59 -8.21 -19.91 -15.85
C GLY A 59 -8.35 -20.71 -14.57
N LEU A 60 -7.86 -20.15 -13.45
CA LEU A 60 -7.73 -20.94 -12.22
C LEU A 60 -9.07 -21.04 -11.48
N ARG A 61 -9.75 -19.90 -11.31
CA ARG A 61 -11.06 -19.77 -10.67
C ARG A 61 -11.00 -19.96 -9.15
N ALA A 62 -10.38 -21.04 -8.66
CA ALA A 62 -10.26 -21.28 -7.23
C ALA A 62 -9.01 -22.10 -6.98
N ILE A 63 -8.45 -21.95 -5.77
CA ILE A 63 -7.22 -22.63 -5.41
C ILE A 63 -7.34 -23.10 -3.98
N SER A 64 -6.50 -24.07 -3.62
CA SER A 64 -6.43 -24.53 -2.24
C SER A 64 -6.06 -23.37 -1.32
N ALA A 65 -6.57 -23.42 -0.09
CA ALA A 65 -6.22 -22.38 0.87
C ALA A 65 -4.72 -22.36 1.14
N ARG A 66 -4.06 -23.52 1.02
CA ARG A 66 -2.63 -23.57 1.19
C ARG A 66 -1.91 -22.80 0.09
N THR A 67 -2.35 -22.94 -1.16
CA THR A 67 -1.76 -22.16 -2.26
C THR A 67 -2.06 -20.67 -2.10
N GLN A 68 -3.27 -20.32 -1.66
CA GLN A 68 -3.61 -18.92 -1.51
C GLN A 68 -2.71 -18.26 -0.46
N ASP A 69 -2.48 -18.96 0.65
CA ASP A 69 -1.63 -18.43 1.73
C ASP A 69 -0.18 -18.31 1.30
N ALA A 70 0.32 -19.22 0.46
CA ALA A 70 1.67 -19.06 -0.09
C ALA A 70 1.77 -17.80 -0.93
N MET A 71 0.81 -17.59 -1.83
CA MET A 71 0.86 -16.45 -2.76
C MET A 71 0.71 -15.12 -2.03
N LEU A 72 -0.12 -15.09 -0.99
CA LEU A 72 -0.27 -13.88 -0.18
C LEU A 72 1.03 -13.56 0.55
N GLY A 73 1.67 -14.58 1.14
CA GLY A 73 2.99 -14.38 1.72
C GLY A 73 4.02 -13.89 0.72
N PHE A 74 3.96 -14.41 -0.52
CA PHE A 74 4.91 -14.00 -1.54
C PHE A 74 4.78 -12.51 -1.88
N CYS A 75 3.56 -12.05 -2.18
CA CYS A 75 3.36 -10.62 -2.42
C CYS A 75 3.71 -9.80 -1.20
N ALA A 76 3.41 -10.32 0.00
CA ALA A 76 3.77 -9.62 1.23
C ALA A 76 5.29 -9.48 1.37
N GLY A 77 6.05 -10.52 1.01
CA GLY A 77 7.49 -10.43 1.13
C GLY A 77 8.06 -9.43 0.14
N MET A 78 7.51 -9.40 -1.07
CA MET A 78 7.95 -8.38 -2.02
C MET A 78 7.73 -6.98 -1.47
N MET A 79 6.61 -6.77 -0.78
CA MET A 79 6.35 -5.43 -0.28
C MET A 79 7.20 -5.07 0.94
N LEU A 80 7.50 -6.02 1.82
CA LEU A 80 8.45 -5.72 2.88
CA LEU A 80 8.47 -5.76 2.89
C LEU A 80 9.81 -5.33 2.31
N ALA A 81 10.27 -6.03 1.28
CA ALA A 81 11.56 -5.69 0.70
C ALA A 81 11.50 -4.34 -0.02
N ALA A 82 10.40 -4.08 -0.74
CA ALA A 82 10.26 -2.77 -1.37
C ALA A 82 10.25 -1.67 -0.32
N SER A 83 9.61 -1.91 0.83
CA SER A 83 9.60 -0.91 1.89
CA SER A 83 9.59 -0.89 1.88
C SER A 83 11.00 -0.64 2.41
N ALA A 84 11.77 -1.70 2.64
CA ALA A 84 13.12 -1.59 3.17
C ALA A 84 14.07 -0.95 2.17
N PHE A 85 14.17 -1.51 0.97
CA PHE A 85 15.22 -1.09 0.04
C PHE A 85 14.83 0.04 -0.90
N SER A 86 13.54 0.23 -1.16
CA SER A 86 13.13 1.23 -2.12
C SER A 86 12.45 2.43 -1.47
N LEU A 87 12.16 2.38 -0.17
CA LEU A 87 11.62 3.53 0.54
C LEU A 87 12.48 3.92 1.73
N ILE A 88 12.73 2.99 2.65
CA ILE A 88 13.43 3.35 3.88
C ILE A 88 14.88 3.74 3.57
N LEU A 89 15.62 2.90 2.83
CA LEU A 89 17.02 3.23 2.57
C LEU A 89 17.18 4.51 1.77
N PRO A 90 16.46 4.75 0.66
CA PRO A 90 16.55 6.07 0.00
C PRO A 90 16.04 7.21 0.84
N GLY A 91 14.99 7.00 1.64
CA GLY A 91 14.58 8.04 2.58
C GLY A 91 15.70 8.45 3.54
N LEU A 92 16.47 7.47 4.02
CA LEU A 92 17.61 7.76 4.88
C LEU A 92 18.63 8.67 4.19
N ASP A 93 19.03 8.31 2.96
CA ASP A 93 19.94 9.15 2.19
C ASP A 93 19.37 10.53 1.98
N ALA A 94 18.09 10.61 1.58
CA ALA A 94 17.49 11.92 1.37
C ALA A 94 17.46 12.74 2.65
N ALA A 95 17.11 12.12 3.77
CA ALA A 95 17.10 12.85 5.05
C ALA A 95 18.49 13.34 5.39
N GLY A 96 19.50 12.51 5.14
CA GLY A 96 20.87 12.87 5.49
C GLY A 96 21.37 14.08 4.74
N THR A 97 20.94 14.27 3.50
CA THR A 97 21.33 15.47 2.78
C THR A 97 20.62 16.72 3.25
N ILE A 98 19.53 16.58 4.01
CA ILE A 98 18.80 17.75 4.51
C ILE A 98 19.19 18.10 5.95
N VAL A 99 19.30 17.11 6.84
CA VAL A 99 19.59 17.40 8.24
C VAL A 99 20.98 16.92 8.67
N GLY A 100 21.65 16.10 7.86
CA GLY A 100 22.94 15.54 8.23
C GLY A 100 22.79 14.03 8.41
N PRO A 101 23.78 13.25 7.99
CA PRO A 101 23.70 11.80 8.22
C PRO A 101 23.78 11.42 9.69
N GLY A 102 23.65 10.12 9.96
CA GLY A 102 23.67 9.63 11.32
C GLY A 102 22.27 9.35 11.83
N PRO A 103 22.16 9.09 13.14
CA PRO A 103 20.84 8.77 13.71
C PRO A 103 19.79 9.88 13.54
N ALA A 104 20.20 11.15 13.36
CA ALA A 104 19.22 12.21 13.14
C ALA A 104 18.45 11.99 11.85
N ALA A 105 19.13 11.49 10.82
CA ALA A 105 18.45 11.22 9.55
C ALA A 105 17.50 10.03 9.70
N ALA A 106 17.91 9.00 10.46
CA ALA A 106 17.04 7.86 10.73
C ALA A 106 15.81 8.26 11.52
N ALA A 107 15.96 9.26 12.40
CA ALA A 107 14.81 9.77 13.14
C ALA A 107 13.77 10.37 12.20
N VAL A 108 14.20 11.03 11.12
CA VAL A 108 13.26 11.55 10.12
C VAL A 108 12.40 10.42 9.57
N VAL A 109 13.05 9.35 9.14
CA VAL A 109 12.34 8.24 8.51
C VAL A 109 11.54 7.48 9.54
N ALA A 110 12.09 7.32 10.75
CA ALA A 110 11.38 6.60 11.79
C ALA A 110 10.10 7.31 12.20
N LEU A 111 10.12 8.65 12.28
CA LEU A 111 8.89 9.35 12.61
C LEU A 111 7.87 9.19 11.50
N GLY A 112 8.32 9.22 10.25
CA GLY A 112 7.42 8.95 9.14
C GLY A 112 6.84 7.55 9.22
N LEU A 113 7.67 6.56 9.54
CA LEU A 113 7.17 5.20 9.76
CA LEU A 113 7.19 5.20 9.76
C LEU A 113 6.01 5.20 10.73
N GLY A 114 6.18 5.86 11.89
CA GLY A 114 5.10 5.88 12.88
C GLY A 114 3.85 6.58 12.37
N LEU A 115 4.04 7.67 11.63
CA LEU A 115 2.90 8.36 11.02
C LEU A 115 2.17 7.47 10.04
N GLY A 116 2.89 6.59 9.35
CA GLY A 116 2.24 5.70 8.39
C GLY A 116 1.39 4.65 9.08
N VAL A 117 1.88 4.13 10.21
CA VAL A 117 1.07 3.22 11.01
C VAL A 117 -0.19 3.90 11.51
N LEU A 118 -0.08 5.14 11.98
CA LEU A 118 -1.24 5.86 12.51
C LEU A 118 -2.27 6.14 11.42
N LEU A 119 -1.82 6.52 10.22
CA LEU A 119 -2.76 6.75 9.13
C LEU A 119 -3.52 5.47 8.81
N MET A 120 -2.81 4.35 8.63
CA MET A 120 -3.48 3.11 8.28
C MET A 120 -4.31 2.57 9.44
N LEU A 121 -3.86 2.78 10.67
CA LEU A 121 -4.66 2.33 11.80
C LEU A 121 -5.96 3.12 11.87
N GLY A 122 -5.90 4.42 11.61
CA GLY A 122 -7.12 5.21 11.60
C GLY A 122 -8.06 4.81 10.49
N LEU A 123 -7.53 4.63 9.28
CA LEU A 123 -8.38 4.12 8.21
C LEU A 123 -8.94 2.75 8.55
N ASP A 124 -8.18 1.93 9.28
CA ASP A 124 -8.68 0.60 9.63
C ASP A 124 -9.84 0.68 10.62
N TYR A 125 -9.85 1.70 11.48
CA TYR A 125 -10.97 1.88 12.41
C TYR A 125 -12.17 2.52 11.74
N PHE A 126 -11.94 3.50 10.88
CA PHE A 126 -13.04 4.25 10.27
C PHE A 126 -13.62 3.60 9.03
N THR A 127 -12.91 2.64 8.40
CA THR A 127 -13.41 2.05 7.17
C THR A 127 -14.04 0.71 7.49
N PRO A 128 -15.34 0.54 7.31
CA PRO A 128 -15.90 -0.83 7.39
C PRO A 128 -15.27 -1.68 6.32
N HIS A 129 -14.88 -2.89 6.70
CA HIS A 129 -14.30 -3.86 5.77
C HIS A 129 -14.37 -5.22 6.46
N GLU A 130 -13.83 -6.25 5.82
CA GLU A 130 -13.93 -7.58 6.43
C GLU A 130 -12.72 -8.43 6.05
N HIS A 131 -12.26 -9.21 7.02
CA HIS A 131 -11.23 -10.24 6.83
C HIS A 131 -11.84 -11.61 7.08
N GLU A 132 -11.32 -12.62 6.38
CA GLU A 132 -11.91 -13.94 6.56
C GLU A 132 -11.64 -14.51 7.95
N ARG A 133 -10.64 -14.01 8.67
CA ARG A 133 -10.34 -14.49 10.03
C ARG A 133 -11.17 -13.74 11.08
N THR A 134 -10.88 -12.44 11.25
CA THR A 134 -11.50 -11.72 12.35
C THR A 134 -12.90 -11.19 12.00
N GLY A 135 -13.41 -11.47 10.81
CA GLY A 135 -14.75 -11.02 10.45
C GLY A 135 -14.80 -9.55 10.10
N HIS A 136 -15.99 -8.99 10.19
CA HIS A 136 -16.19 -7.62 9.75
C HIS A 136 -15.61 -6.65 10.77
N GLN A 137 -15.11 -5.53 10.26
CA GLN A 137 -14.47 -4.48 11.04
C GLN A 137 -15.09 -3.15 10.63
N GLY A 138 -14.98 -2.16 11.52
CA GLY A 138 -15.36 -0.80 11.19
C GLY A 138 -16.80 -0.43 11.49
N PRO A 139 -17.16 0.83 11.23
CA PRO A 139 -18.46 1.35 11.70
C PRO A 139 -19.63 0.76 10.93
N GLU A 140 -20.65 0.32 11.68
CA GLU A 140 -21.90 -0.17 11.10
C GLU A 140 -21.70 -1.40 10.21
N ALA A 141 -20.60 -2.15 10.39
CA ALA A 141 -20.20 -3.12 9.37
C ALA A 141 -21.13 -4.34 9.33
N ALA A 142 -21.76 -4.70 10.44
CA ALA A 142 -22.56 -5.92 10.50
C ALA A 142 -23.70 -5.92 9.49
N ARG A 143 -24.18 -4.73 9.11
CA ARG A 143 -25.27 -4.61 8.14
C ARG A 143 -24.80 -3.99 6.83
N VAL A 144 -23.59 -4.33 6.39
CA VAL A 144 -23.06 -3.91 5.10
C VAL A 144 -22.88 -5.15 4.24
N ASN A 145 -23.29 -5.06 2.97
CA ASN A 145 -23.03 -6.10 1.98
C ASN A 145 -21.61 -6.66 2.12
N ARG A 146 -21.54 -7.99 2.19
CA ARG A 146 -20.27 -8.62 2.56
C ARG A 146 -19.25 -8.54 1.43
N VAL A 147 -19.71 -8.63 0.18
CA VAL A 147 -18.77 -8.47 -0.93
C VAL A 147 -18.15 -7.08 -0.92
N TRP A 148 -18.96 -6.05 -0.65
CA TRP A 148 -18.46 -4.68 -0.62
C TRP A 148 -17.45 -4.49 0.52
N LEU A 149 -17.71 -5.09 1.69
CA LEU A 149 -16.72 -5.10 2.77
C LEU A 149 -15.37 -5.66 2.32
N PHE A 150 -15.38 -6.77 1.59
CA PHE A 150 -14.12 -7.34 1.12
C PHE A 150 -13.47 -6.46 0.05
N VAL A 151 -14.27 -5.81 -0.79
CA VAL A 151 -13.71 -4.84 -1.74
C VAL A 151 -12.98 -3.73 -0.99
N LEU A 152 -13.56 -3.27 0.11
CA LEU A 152 -12.93 -2.19 0.87
C LEU A 152 -11.64 -2.66 1.53
N THR A 153 -11.57 -3.94 1.91
CA THR A 153 -10.30 -4.49 2.37
C THR A 153 -9.23 -4.33 1.29
N ILE A 154 -9.59 -4.64 0.04
CA ILE A 154 -8.64 -4.52 -1.07
C ILE A 154 -8.28 -3.05 -1.33
N ILE A 155 -9.25 -2.15 -1.20
CA ILE A 155 -8.98 -0.72 -1.39
C ILE A 155 -8.01 -0.22 -0.31
N LEU A 156 -8.25 -0.57 0.95
CA LEU A 156 -7.32 -0.17 2.01
C LEU A 156 -5.90 -0.68 1.75
N HIS A 157 -5.78 -1.91 1.24
CA HIS A 157 -4.49 -2.53 0.99
C HIS A 157 -3.69 -1.74 -0.04
N ASN A 158 -4.36 -1.28 -1.09
CA ASN A 158 -3.63 -0.71 -2.20
C ASN A 158 -3.40 0.79 -2.08
N LEU A 159 -4.05 1.45 -1.14
CA LEU A 159 -3.78 2.88 -0.89
C LEU A 159 -2.32 3.16 -0.57
N PRO A 160 -1.67 2.45 0.36
CA PRO A 160 -0.24 2.72 0.60
C PRO A 160 0.65 2.38 -0.58
N GLU A 161 0.31 1.35 -1.37
CA GLU A 161 1.10 1.06 -2.56
C GLU A 161 1.02 2.20 -3.57
N GLY A 162 -0.18 2.75 -3.78
CA GLY A 162 -0.27 3.97 -4.58
C GLY A 162 0.51 5.12 -3.97
N MET A 163 0.32 5.36 -2.66
CA MET A 163 1.01 6.46 -2.01
C MET A 163 2.52 6.34 -2.17
N ALA A 164 3.05 5.12 -2.02
CA ALA A 164 4.48 4.92 -2.16
C ALA A 164 4.96 5.35 -3.55
N ILE A 165 4.19 5.03 -4.58
CA ILE A 165 4.58 5.43 -5.93
C ILE A 165 4.62 6.95 -6.04
N GLY A 166 3.59 7.61 -5.54
CA GLY A 166 3.59 9.06 -5.54
C GLY A 166 4.77 9.66 -4.77
N VAL A 167 4.99 9.20 -3.54
CA VAL A 167 6.09 9.75 -2.75
C VAL A 167 7.41 9.58 -3.48
N SER A 168 7.63 8.40 -4.08
CA SER A 168 8.92 8.11 -4.70
C SER A 168 9.22 9.01 -5.88
N PHE A 169 8.21 9.62 -6.48
CA PHE A 169 8.38 10.53 -7.61
C PHE A 169 8.32 12.00 -7.22
N ALA A 170 8.20 12.30 -5.92
CA ALA A 170 7.82 13.65 -5.52
C ALA A 170 8.91 14.68 -5.82
N THR A 171 10.16 14.26 -6.00
CA THR A 171 11.23 15.17 -6.36
C THR A 171 11.65 15.04 -7.82
N GLY A 172 10.89 14.32 -8.64
CA GLY A 172 11.25 14.14 -10.02
C GLY A 172 12.43 13.23 -10.27
N ASP A 173 12.83 12.43 -9.28
CA ASP A 173 14.05 11.63 -9.35
C ASP A 173 13.66 10.20 -9.74
N LEU A 174 13.79 9.89 -11.05
CA LEU A 174 13.51 8.55 -11.52
C LEU A 174 14.46 7.51 -10.95
N ARG A 175 15.59 7.93 -10.36
CA ARG A 175 16.45 6.96 -9.68
C ARG A 175 15.76 6.38 -8.47
N ILE A 176 14.80 7.11 -7.92
CA ILE A 176 14.02 6.66 -6.79
C ILE A 176 12.68 6.10 -7.24
N GLY A 177 11.97 6.83 -8.11
CA GLY A 177 10.64 6.43 -8.51
C GLY A 177 10.60 5.13 -9.30
N LEU A 178 11.57 4.92 -10.20
CA LEU A 178 11.51 3.72 -11.05
C LEU A 178 11.73 2.43 -10.27
N PRO A 179 12.75 2.30 -9.39
CA PRO A 179 12.89 1.04 -8.63
C PRO A 179 11.69 0.74 -7.75
N LEU A 180 11.14 1.75 -7.07
CA LEU A 180 9.96 1.51 -6.24
C LEU A 180 8.78 1.08 -7.11
N THR A 181 8.49 1.86 -8.15
CA THR A 181 7.33 1.57 -8.98
C THR A 181 7.49 0.22 -9.68
N SER A 182 8.71 -0.11 -10.14
CA SER A 182 8.94 -1.45 -10.69
C SER A 182 8.59 -2.53 -9.70
N ALA A 183 8.96 -2.33 -8.42
CA ALA A 183 8.71 -3.37 -7.42
C ALA A 183 7.23 -3.55 -7.20
N ILE A 184 6.49 -2.45 -7.07
CA ILE A 184 5.06 -2.57 -6.85
C ILE A 184 4.38 -3.15 -8.08
N ALA A 185 4.78 -2.69 -9.27
CA ALA A 185 4.13 -3.17 -10.49
C ALA A 185 4.37 -4.66 -10.73
N ILE A 186 5.58 -5.14 -10.49
CA ILE A 186 5.83 -6.58 -10.64
C ILE A 186 5.03 -7.37 -9.61
N GLN A 187 5.08 -6.92 -8.35
CA GLN A 187 4.24 -7.51 -7.31
C GLN A 187 2.75 -7.47 -7.67
N ASP A 188 2.29 -6.42 -8.38
CA ASP A 188 0.87 -6.34 -8.71
C ASP A 188 0.38 -7.46 -9.64
N VAL A 189 1.27 -8.15 -10.36
CA VAL A 189 0.78 -9.22 -11.22
C VAL A 189 0.29 -10.40 -10.37
N PRO A 190 1.09 -11.02 -9.50
CA PRO A 190 0.47 -12.04 -8.62
C PRO A 190 -0.63 -11.49 -7.75
N GLU A 191 -0.52 -10.24 -7.34
CA GLU A 191 -1.54 -9.66 -6.47
C GLU A 191 -2.89 -9.58 -7.15
N GLY A 192 -2.91 -9.17 -8.43
CA GLY A 192 -4.17 -9.15 -9.16
C GLY A 192 -4.82 -10.51 -9.25
N LEU A 193 -4.00 -11.56 -9.37
CA LEU A 193 -4.51 -12.93 -9.33
C LEU A 193 -5.10 -13.26 -7.96
N CYS A 194 -4.38 -12.94 -6.87
CA CYS A 194 -4.92 -13.18 -5.53
C CYS A 194 -6.22 -12.39 -5.29
N VAL A 195 -6.28 -11.17 -5.78
CA VAL A 195 -7.46 -10.33 -5.52
C VAL A 195 -8.68 -10.89 -6.23
N ALA A 196 -8.53 -11.25 -7.51
CA ALA A 196 -9.65 -11.83 -8.24
C ALA A 196 -10.11 -13.15 -7.62
N LEU A 197 -9.15 -13.99 -7.20
CA LEU A 197 -9.52 -15.27 -6.58
C LEU A 197 -10.24 -15.03 -5.25
N ALA A 198 -9.78 -14.07 -4.45
CA ALA A 198 -10.42 -13.78 -3.18
C ALA A 198 -11.82 -13.21 -3.36
N LEU A 199 -12.02 -12.35 -4.37
CA LEU A 199 -13.36 -11.84 -4.66
C LEU A 199 -14.30 -12.92 -5.14
N ARG A 200 -13.81 -13.81 -5.99
CA ARG A 200 -14.61 -14.97 -6.39
C ARG A 200 -15.06 -15.75 -5.17
N ALA A 201 -14.12 -15.98 -4.23
CA ALA A 201 -14.40 -16.81 -3.07
C ALA A 201 -15.44 -16.19 -2.14
N VAL A 202 -15.58 -14.86 -2.15
CA VAL A 202 -16.59 -14.26 -1.27
C VAL A 202 -17.96 -14.19 -1.93
N GLY A 203 -18.07 -14.56 -3.21
CA GLY A 203 -19.38 -14.76 -3.79
C GLY A 203 -19.62 -14.25 -5.20
N LEU A 204 -18.64 -13.56 -5.79
CA LEU A 204 -18.78 -13.08 -7.17
C LEU A 204 -18.41 -14.19 -8.15
N PRO A 205 -19.22 -14.40 -9.19
CA PRO A 205 -18.77 -15.30 -10.27
C PRO A 205 -17.48 -14.78 -10.89
N ILE A 206 -16.65 -15.70 -11.39
CA ILE A 206 -15.26 -15.38 -11.70
C ILE A 206 -15.15 -14.18 -12.64
N GLY A 207 -16.10 -14.04 -13.59
CA GLY A 207 -16.01 -12.95 -14.56
C GLY A 207 -16.19 -11.58 -13.89
N ARG A 208 -17.17 -11.46 -13.01
CA ARG A 208 -17.34 -10.20 -12.27
C ARG A 208 -16.21 -9.99 -11.26
N ALA A 209 -15.73 -11.08 -10.64
CA ALA A 209 -14.61 -10.95 -9.72
C ALA A 209 -13.37 -10.41 -10.43
N VAL A 210 -13.14 -10.82 -11.69
CA VAL A 210 -11.98 -10.33 -12.42
C VAL A 210 -12.13 -8.83 -12.71
N LEU A 211 -13.35 -8.41 -13.11
CA LEU A 211 -13.58 -7.00 -13.42
C LEU A 211 -13.46 -6.13 -12.17
N VAL A 212 -13.93 -6.62 -11.03
CA VAL A 212 -13.78 -5.85 -9.80
C VAL A 212 -12.31 -5.76 -9.40
N ALA A 213 -11.57 -6.85 -9.61
CA ALA A 213 -10.12 -6.80 -9.36
C ALA A 213 -9.44 -5.77 -10.25
N VAL A 214 -9.78 -5.75 -11.54
CA VAL A 214 -9.23 -4.72 -12.44
C VAL A 214 -9.55 -3.32 -11.92
N ALA A 215 -10.81 -3.10 -11.50
CA ALA A 215 -11.17 -1.77 -11.00
C ALA A 215 -10.43 -1.42 -9.71
N SER A 216 -10.15 -2.41 -8.86
CA SER A 216 -9.43 -2.14 -7.62
C SER A 216 -8.03 -1.61 -7.86
N GLY A 217 -7.42 -1.93 -9.01
CA GLY A 217 -6.10 -1.42 -9.33
C GLY A 217 -6.05 0.09 -9.57
N LEU A 218 -7.20 0.72 -9.80
CA LEU A 218 -7.26 2.17 -9.91
C LEU A 218 -6.91 2.88 -8.60
N MET A 219 -6.89 2.18 -7.47
CA MET A 219 -6.44 2.80 -6.23
C MET A 219 -4.98 3.21 -6.29
N GLU A 220 -4.18 2.61 -7.18
CA GLU A 220 -2.76 2.97 -7.20
C GLU A 220 -2.52 4.33 -7.87
N PRO A 221 -3.05 4.62 -9.06
CA PRO A 221 -2.93 6.03 -9.53
C PRO A 221 -3.56 7.05 -8.59
N LEU A 222 -4.69 6.70 -7.95
CA LEU A 222 -5.31 7.65 -7.03
C LEU A 222 -4.45 7.86 -5.79
N GLY A 223 -3.96 6.78 -5.19
CA GLY A 223 -3.07 6.91 -4.04
C GLY A 223 -1.79 7.63 -4.40
N ALA A 224 -1.33 7.48 -5.65
CA ALA A 224 -0.13 8.20 -6.08
C ALA A 224 -0.35 9.71 -6.02
N LEU A 225 -1.58 10.17 -6.27
CA LEU A 225 -1.87 11.59 -6.08
CA LEU A 225 -1.90 11.59 -6.08
C LEU A 225 -1.65 12.01 -4.64
N VAL A 226 -2.23 11.26 -3.70
CA VAL A 226 -2.01 11.55 -2.28
C VAL A 226 -0.52 11.63 -1.97
N GLY A 227 0.24 10.62 -2.41
CA GLY A 227 1.67 10.58 -2.11
C GLY A 227 2.43 11.78 -2.63
N VAL A 228 2.15 12.21 -3.86
CA VAL A 228 2.80 13.41 -4.38
C VAL A 228 2.52 14.61 -3.48
N GLY A 229 1.26 14.77 -3.08
CA GLY A 229 0.88 15.97 -2.34
C GLY A 229 1.49 16.03 -0.96
N ILE A 230 1.55 14.89 -0.26
CA ILE A 230 2.05 14.99 1.12
C ILE A 230 3.56 15.11 1.15
N SER A 231 4.24 14.74 0.06
CA SER A 231 5.69 14.71 0.04
C SER A 231 6.33 15.95 -0.55
N SER A 232 5.54 16.97 -0.92
CA SER A 232 6.05 18.11 -1.67
CA SER A 232 6.03 18.11 -1.68
C SER A 232 5.88 19.46 -0.98
N GLY A 233 5.28 19.51 0.22
CA GLY A 233 5.07 20.81 0.85
C GLY A 233 6.35 21.56 1.20
N PHE A 234 7.38 20.82 1.63
CA PHE A 234 8.64 21.36 2.13
C PHE A 234 9.67 20.27 1.99
N ALA A 235 10.95 20.64 2.12
CA ALA A 235 12.02 19.70 1.76
C ALA A 235 11.98 18.43 2.60
N LEU A 236 11.70 18.54 3.91
CA LEU A 236 11.71 17.34 4.76
C LEU A 236 10.49 16.44 4.53
N ALA A 237 9.41 16.98 3.96
CA ALA A 237 8.22 16.18 3.70
C ALA A 237 8.54 14.95 2.85
N TYR A 238 9.60 15.03 2.04
CA TYR A 238 9.92 13.94 1.14
C TYR A 238 10.47 12.72 1.89
N PRO A 239 11.58 12.81 2.64
CA PRO A 239 12.00 11.62 3.40
C PRO A 239 11.01 11.23 4.51
N ILE A 240 10.27 12.18 5.11
CA ILE A 240 9.24 11.80 6.07
C ILE A 240 8.17 10.93 5.42
N SER A 241 7.75 11.32 4.20
CA SER A 241 6.73 10.60 3.46
C SER A 241 7.21 9.26 2.94
N MET A 242 8.51 9.17 2.63
CA MET A 242 9.10 7.86 2.34
C MET A 242 8.88 6.91 3.51
N GLY A 243 9.19 7.37 4.71
CA GLY A 243 8.93 6.56 5.89
C GLY A 243 7.45 6.34 6.10
N LEU A 244 6.63 7.36 5.86
CA LEU A 244 5.18 7.21 6.02
C LEU A 244 4.65 6.11 5.10
N ALA A 245 4.99 6.17 3.82
CA ALA A 245 4.53 5.14 2.88
C ALA A 245 5.05 3.77 3.28
N ALA A 246 6.31 3.71 3.72
CA ALA A 246 6.86 2.43 4.16
C ALA A 246 6.12 1.89 5.37
N GLY A 247 5.83 2.76 6.35
CA GLY A 247 5.15 2.29 7.54
C GLY A 247 3.72 1.86 7.27
N ALA A 248 3.05 2.55 6.35
CA ALA A 248 1.71 2.14 5.95
C ALA A 248 1.72 0.77 5.28
N MET A 249 2.69 0.53 4.40
CA MET A 249 2.79 -0.78 3.75
C MET A 249 3.14 -1.88 4.75
N ILE A 250 4.07 -1.59 5.67
CA ILE A 250 4.42 -2.59 6.68
C ILE A 250 3.21 -2.95 7.55
N PHE A 251 2.38 -1.95 7.88
CA PHE A 251 1.11 -2.20 8.57
C PHE A 251 0.21 -3.13 7.76
N VAL A 252 0.08 -2.86 6.46
CA VAL A 252 -0.77 -3.70 5.64
C VAL A 252 -0.28 -5.14 5.68
N VAL A 253 1.04 -5.35 5.58
CA VAL A 253 1.56 -6.72 5.61
C VAL A 253 1.34 -7.37 6.99
N SER A 254 1.67 -6.66 8.08
CA SER A 254 1.68 -7.31 9.39
C SER A 254 0.32 -7.33 10.04
N HIS A 255 -0.53 -6.37 9.72
CA HIS A 255 -1.83 -6.29 10.35
C HIS A 255 -2.93 -6.86 9.47
N GLU A 256 -2.87 -6.62 8.15
CA GLU A 256 -3.94 -7.03 7.24
C GLU A 256 -3.69 -8.38 6.58
N VAL A 257 -2.46 -8.70 6.18
CA VAL A 257 -2.21 -9.86 5.34
C VAL A 257 -1.80 -11.10 6.15
N ILE A 258 -0.66 -11.01 6.84
CA ILE A 258 -0.10 -12.19 7.50
C ILE A 258 -1.05 -12.81 8.52
N PRO A 259 -1.81 -12.06 9.31
CA PRO A 259 -2.82 -12.68 10.18
C PRO A 259 -3.84 -13.55 9.46
N GLU A 260 -4.20 -13.19 8.22
CA GLU A 260 -5.14 -14.01 7.46
C GLU A 260 -4.58 -15.41 7.19
N THR A 261 -3.26 -15.54 7.11
CA THR A 261 -2.64 -16.81 6.79
C THR A 261 -2.35 -17.67 8.00
N HIS A 262 -2.37 -17.09 9.21
CA HIS A 262 -1.92 -17.80 10.39
C HIS A 262 -3.02 -18.66 11.00
N ARG A 263 -4.26 -18.16 11.02
CA ARG A 263 -5.36 -18.85 11.68
C ARG A 263 -5.96 -19.96 10.83
N ASN A 264 -5.63 -20.00 9.53
CA ASN A 264 -5.97 -21.14 8.68
C ASN A 264 -5.06 -22.32 8.94
N GLY A 265 -3.95 -22.11 9.64
CA GLY A 265 -2.99 -23.16 9.92
C GLY A 265 -1.83 -23.22 8.94
N HIS A 266 -1.73 -22.26 8.03
CA HIS A 266 -0.68 -22.27 7.01
C HIS A 266 0.39 -21.24 7.30
N GLU A 267 0.76 -21.10 8.58
CA GLU A 267 1.89 -20.26 8.95
C GLU A 267 3.16 -20.69 8.22
N THR A 268 3.35 -22.01 8.05
CA THR A 268 4.58 -22.49 7.45
C THR A 268 4.62 -22.21 5.96
N THR A 269 3.48 -22.30 5.28
CA THR A 269 3.49 -22.04 3.84
C THR A 269 3.56 -20.53 3.56
N ALA A 270 2.89 -19.71 4.37
CA ALA A 270 3.01 -18.27 4.23
C ALA A 270 4.45 -17.81 4.42
N THR A 271 5.17 -18.46 5.35
CA THR A 271 6.53 -18.05 5.68
C THR A 271 7.51 -18.32 4.54
N VAL A 272 7.37 -19.45 3.85
CA VAL A 272 8.18 -19.70 2.67
C VAL A 272 7.84 -18.68 1.58
N GLY A 273 6.57 -18.28 1.49
CA GLY A 273 6.22 -17.23 0.56
C GLY A 273 6.86 -15.90 0.91
N LEU A 274 6.80 -15.51 2.18
CA LEU A 274 7.41 -14.25 2.60
C LEU A 274 8.89 -14.24 2.27
N MET A 275 9.59 -15.33 2.57
CA MET A 275 11.01 -15.39 2.32
C MET A 275 11.32 -15.30 0.84
N ALA A 276 10.54 -15.98 0.02
CA ALA A 276 10.81 -15.97 -1.41
C ALA A 276 10.56 -14.59 -2.00
N GLY A 277 9.42 -13.97 -1.66
CA GLY A 277 9.14 -12.63 -2.18
C GLY A 277 10.16 -11.60 -1.71
N PHE A 278 10.55 -11.66 -0.44
CA PHE A 278 11.58 -10.74 0.04
C PHE A 278 12.88 -10.95 -0.72
N ALA A 279 13.32 -12.22 -0.84
CA ALA A 279 14.57 -12.51 -1.55
C ALA A 279 14.50 -12.06 -3.00
N LEU A 280 13.36 -12.28 -3.65
CA LEU A 280 13.19 -11.93 -5.05
C LEU A 280 13.35 -10.42 -5.26
N MET A 281 12.74 -9.63 -4.38
CA MET A 281 12.82 -8.18 -4.54
C MET A 281 14.23 -7.67 -4.30
N MET A 282 14.92 -8.21 -3.29
CA MET A 282 16.35 -7.94 -3.14
C MET A 282 17.10 -8.17 -4.43
N PHE A 283 16.87 -9.33 -5.05
CA PHE A 283 17.55 -9.65 -6.31
C PHE A 283 17.21 -8.63 -7.38
N LEU A 284 15.92 -8.31 -7.53
CA LEU A 284 15.51 -7.36 -8.55
C LEU A 284 15.96 -5.95 -8.23
N ASP A 285 16.26 -5.66 -6.96
CA ASP A 285 16.85 -4.37 -6.63
C ASP A 285 18.23 -4.21 -7.26
N THR A 286 18.95 -5.31 -7.49
CA THR A 286 20.27 -5.22 -8.08
C THR A 286 20.30 -5.63 -9.55
N ALA A 287 19.44 -6.53 -9.98
CA ALA A 287 19.40 -6.93 -11.38
C ALA A 287 18.81 -5.82 -12.24
N LEU A 288 17.65 -5.29 -11.85
CA LEU A 288 17.10 -4.14 -12.56
C LEU A 288 17.96 -2.88 -12.38
N GLY A 289 18.89 -2.88 -11.44
CA GLY A 289 19.77 -1.75 -11.25
C GLY A 289 19.30 -0.80 -10.16
CD CD B . -1.45 -3.60 -5.42
CD CD C . 0.15 -5.86 -2.08
CD CD D . -8.24 -4.52 8.58
CL CL E . -17.49 -18.82 -10.95
CL CL F . 1.33 -7.04 -0.04
C2 MPG G . -23.87 -5.65 -5.43
C3 MPG G . -23.23 -5.25 -4.10
C4 MPG G . -21.83 -5.83 -4.10
C5 MPG G . -20.89 -4.82 -4.76
C6 MPG G . -19.60 -5.49 -5.22
C7 MPG G . -19.25 -5.04 -6.64
C8 MPG G . -18.30 -3.85 -6.62
C9 MPG G . -18.48 -3.02 -7.89
C10 MPG G . -17.50 -2.28 -8.39
C11 MPG G . -16.13 -2.21 -7.72
C12 MPG G . -15.47 -0.88 -8.08
C13 MPG G . -14.21 -0.64 -7.25
C14 MPG G . -13.84 0.82 -7.44
C15 MPG G . -12.39 1.08 -7.03
C16 MPG G . -12.08 2.56 -7.18
C17 MPG G . -10.66 2.81 -6.68
C18 MPG G . -10.31 4.29 -6.81
O1 MPG G . -26.23 -5.74 -5.22
C1 MPG G . -25.20 -4.94 -5.69
CXD MPG G . -28.33 -4.63 -6.14
O2 MPG G . -28.81 -4.29 -4.86
C21 MPG G . -29.53 -4.96 -7.04
O3 MPG G . -29.12 -5.13 -8.37
O4 MPG G . -27.60 -6.82 -6.64
CX3 MPG G . -27.38 -5.82 -6.03
C2 MPG H . -5.44 23.07 -6.95
C3 MPG H . -6.87 22.53 -7.05
C4 MPG H . -6.89 21.05 -6.72
C5 MPG H . -8.13 20.34 -7.26
C6 MPG H . -8.46 19.27 -6.23
C7 MPG H . -9.83 18.64 -6.48
C8 MPG H . -10.06 17.62 -5.36
C9 MPG H . -11.40 16.90 -5.51
C10 MPG H . -11.69 15.85 -4.76
C11 MPG H . -10.68 15.34 -3.73
C12 MPG H . -11.25 14.11 -3.03
C13 MPG H . -10.84 12.87 -3.81
C14 MPG H . -11.47 11.64 -3.15
C15 MPG H . -10.51 10.99 -2.15
C16 MPG H . -10.59 9.48 -2.37
C17 MPG H . -9.93 8.72 -1.22
C18 MPG H . -10.36 7.26 -1.29
O1 MPG H . -3.90 24.38 -8.25
C1 MPG H . -5.25 24.00 -8.15
CXD MPG H . -2.40 26.47 -8.17
O2 MPG H . -1.84 25.88 -9.31
C21 MPG H . -1.31 26.56 -7.12
O3 MPG H . -0.05 26.46 -7.72
O4 MPG H . -4.29 26.06 -6.80
CX3 MPG H . -3.60 25.64 -7.68
C2 MPG I . -13.66 3.97 16.66
C3 MPG I . -12.37 4.41 17.36
C4 MPG I . -11.49 5.22 16.41
C5 MPG I . -10.02 4.86 16.62
C6 MPG I . -9.17 6.08 16.26
C7 MPG I . -7.99 5.68 15.39
C8 MPG I . -7.41 6.94 14.76
C9 MPG I . -5.92 6.76 14.49
C10 MPG I . -5.15 7.77 14.11
C11 MPG I . -5.73 9.17 13.90
C12 MPG I . -4.62 10.21 13.87
C13 MPG I . -3.53 9.77 12.90
C14 MPG I . -3.70 10.46 11.54
C15 MPG I . -2.38 10.36 10.77
C16 MPG I . -1.93 11.72 10.27
C17 MPG I . -0.49 11.60 9.79
C18 MPG I . 0.08 12.99 9.51
O1 MPG I . -15.13 4.59 14.84
C1 MPG I . -14.15 5.08 15.72
CXD MPG I . -16.59 6.61 14.26
O2 MPG I . -17.55 7.35 14.99
C21 MPG I . -17.10 6.39 12.84
O3 MPG I . -17.01 7.60 12.13
O4 MPG I . -17.26 4.75 15.53
CX3 MPG I . -16.36 5.25 14.93
C2 MPG J . -23.74 -9.35 -5.66
C3 MPG J . -22.76 -8.71 -6.63
C4 MPG J . -23.48 -8.18 -7.86
C5 MPG J . -22.48 -8.17 -9.02
C6 MPG J . -21.45 -7.07 -8.82
C7 MPG J . -21.34 -6.28 -10.12
C8 MPG J . -19.95 -5.69 -10.30
C9 MPG J . -19.28 -6.26 -11.54
C10 MPG J . -18.39 -5.60 -12.26
C11 MPG J . -17.92 -4.18 -11.94
C12 MPG J . -17.09 -3.69 -13.13
C13 MPG J . -16.29 -2.44 -12.75
C14 MPG J . -15.64 -1.82 -14.00
C15 MPG J . -14.28 -2.48 -14.29
C16 MPG J . -13.50 -1.70 -15.35
C17 MPG J . -12.20 -1.13 -14.75
C18 MPG J . -11.31 -0.59 -15.87
O1 MPG J . -23.68 -9.96 -3.33
C1 MPG J . -22.94 -10.00 -4.52
CXD MPG J . -26.08 -10.83 -3.10
O2 MPG J . -26.48 -9.93 -4.10
C21 MPG J . -26.44 -10.26 -1.73
O3 MPG J . -27.05 -9.01 -1.90
O4 MPG J . -24.13 -12.16 -3.13
CX3 MPG J . -24.56 -11.06 -3.18
C2 MPG K . 3.84 -11.71 17.18
C3 MPG K . 4.43 -11.19 15.87
C4 MPG K . 3.58 -10.06 15.29
C5 MPG K . 3.82 -9.98 13.79
C6 MPG K . 4.40 -8.62 13.40
C7 MPG K . 5.92 -8.68 13.45
C8 MPG K . 6.48 -7.25 13.49
C9 MPG K . 6.29 -6.63 12.10
C10 MPG K . 6.97 -5.57 11.70
C11 MPG K . 8.00 -4.89 12.59
C12 MPG K . 9.11 -4.32 11.70
C13 MPG K . 8.81 -2.84 11.44
C14 MPG K . 9.82 -1.95 12.15
C15 MPG K . 10.49 -1.05 11.12
C16 MPG K . 11.83 -0.57 11.69
C17 MPG K . 12.61 0.14 10.60
C18 MPG K . 14.11 -0.10 10.81
O1 MPG K . 1.78 -12.43 18.11
C1 MPG K . 2.33 -11.43 17.29
CXD MPG K . -0.25 -13.64 17.13
O2 MPG K . -0.91 -14.64 17.86
C21 MPG K . 0.79 -14.31 16.23
O3 MPG K . 1.09 -13.47 15.14
O4 MPG K . -0.30 -12.00 18.83
CX3 MPG K . 0.39 -12.62 18.09
HG HG L . -0.50 -12.32 -4.13
#